data_4AZQ
#
_entry.id   4AZQ
#
_cell.length_a   79.480
_cell.length_b   79.480
_cell.length_c   82.700
_cell.angle_alpha   90.00
_cell.angle_beta   90.00
_cell.angle_gamma   120.00
#
_symmetry.space_group_name_H-M   'P 64 2 2'
#
loop_
_entity.id
_entity.type
_entity.pdbx_description
1 polymer 'FATTY ACID-BINDING PROTEIN, EPIDERMAL'
2 non-polymer '2-hydroxy-1-(hydroxymethyl)ethyl icosanoate'
3 non-polymer 'CHLORIDE ION'
4 water water
#
_entity_poly.entity_id   1
_entity_poly.type   'polypeptide(L)'
_entity_poly.pdbx_seq_one_letter_code
;GSHMASLKDLEGKWRLMESHGFEEYMKELGVGLALRKMAAMAKPDCIITCDGNNITVKTESTVKTTVFSCNLGEKFEETT
ADGRKTETVCTFQDGALVQHQQWDGKESTITRKLKDGKMIVECVMNNATCTRVYEKVQ
;
_entity_poly.pdbx_strand_id   A
#
loop_
_chem_comp.id
_chem_comp.type
_chem_comp.name
_chem_comp.formula
CL non-polymer 'CHLORIDE ION' 'Cl -1'
G2A non-polymer '2-hydroxy-1-(hydroxymethyl)ethyl icosanoate' 'C23 H46 O4'
#
# COMPACT_ATOMS: atom_id res chain seq x y z
N HIS A 3 14.16 5.39 -18.06
CA HIS A 3 12.68 5.54 -17.94
C HIS A 3 12.00 4.56 -16.98
N MET A 4 12.67 3.44 -16.65
CA MET A 4 12.12 2.53 -15.62
C MET A 4 12.51 2.92 -14.19
N ALA A 5 11.51 2.91 -13.31
CA ALA A 5 11.69 3.39 -11.94
C ALA A 5 12.60 2.48 -11.12
N SER A 6 13.21 3.04 -10.08
CA SER A 6 13.89 2.26 -9.06
C SER A 6 13.16 2.43 -7.71
N LEU A 7 13.54 1.64 -6.71
CA LEU A 7 12.90 1.65 -5.41
C LEU A 7 12.99 3.05 -4.75
N LYS A 8 14.12 3.70 -4.95
CA LYS A 8 14.40 5.02 -4.41
C LYS A 8 13.45 6.11 -4.96
N ASP A 9 12.97 5.94 -6.19
CA ASP A 9 11.96 6.84 -6.79
C ASP A 9 10.65 6.90 -5.97
N LEU A 10 10.41 5.89 -5.16
CA LEU A 10 9.19 5.81 -4.36
C LEU A 10 9.30 6.59 -3.07
N GLU A 11 10.51 7.01 -2.74
CA GLU A 11 10.77 7.66 -1.48
C GLU A 11 10.13 9.07 -1.50
N GLY A 12 9.50 9.44 -0.40
CA GLY A 12 8.90 10.75 -0.31
C GLY A 12 7.57 10.74 0.40
N LYS A 13 6.96 11.91 0.40
CA LYS A 13 5.68 12.14 1.04
C LYS A 13 4.65 12.30 -0.07
N TRP A 14 3.66 11.44 -0.07
CA TRP A 14 2.72 11.30 -1.17
C TRP A 14 1.31 11.54 -0.67
N ARG A 15 0.49 12.22 -1.46
CA ARG A 15 -0.89 12.49 -1.10
CA ARG A 15 -0.90 12.49 -1.10
C ARG A 15 -1.85 11.89 -2.12
N LEU A 16 -2.89 11.23 -1.60
CA LEU A 16 -3.90 10.59 -2.43
C LEU A 16 -4.69 11.59 -3.25
N MET A 17 -4.68 11.42 -4.56
CA MET A 17 -5.36 12.36 -5.44
C MET A 17 -6.54 11.75 -6.16
N GLU A 18 -6.53 10.43 -6.32
CA GLU A 18 -7.59 9.72 -7.06
C GLU A 18 -7.73 8.31 -6.54
N SER A 19 -8.97 7.83 -6.51
CA SER A 19 -9.25 6.47 -6.07
C SER A 19 -10.40 5.84 -6.88
N HIS A 20 -10.22 4.59 -7.28
CA HIS A 20 -11.22 3.82 -8.02
C HIS A 20 -11.25 2.40 -7.46
N GLY A 21 -12.44 1.93 -7.11
CA GLY A 21 -12.63 0.53 -6.75
C GLY A 21 -12.19 0.19 -5.33
N PHE A 22 -11.97 1.21 -4.52
CA PHE A 22 -11.46 1.04 -3.17
C PHE A 22 -12.49 0.37 -2.23
N GLU A 23 -13.72 0.87 -2.26
CA GLU A 23 -14.84 0.25 -1.52
C GLU A 23 -14.95 -1.24 -1.85
N GLU A 24 -14.97 -1.59 -3.14
CA GLU A 24 -15.08 -2.98 -3.58
C GLU A 24 -13.91 -3.84 -3.07
N TYR A 25 -12.68 -3.30 -3.13
CA TYR A 25 -11.49 -3.96 -2.57
C TYR A 25 -11.59 -4.15 -1.05
N MET A 26 -11.93 -3.08 -0.33
CA MET A 26 -12.09 -3.22 1.11
C MET A 26 -13.17 -4.22 1.48
N LYS A 27 -14.22 -4.32 0.67
CA LYS A 27 -15.26 -5.34 0.87
C LYS A 27 -14.66 -6.74 0.77
N GLU A 28 -13.86 -6.99 -0.27
CA GLU A 28 -13.22 -8.29 -0.44
C GLU A 28 -12.32 -8.63 0.75
N LEU A 29 -11.66 -7.62 1.32
CA LEU A 29 -10.79 -7.84 2.50
C LEU A 29 -11.58 -8.16 3.76
N GLY A 30 -12.85 -7.78 3.78
CA GLY A 30 -13.68 -8.04 4.97
C GLY A 30 -14.01 -6.79 5.79
N VAL A 31 -13.58 -5.62 5.28
CA VAL A 31 -13.85 -4.35 5.97
C VAL A 31 -15.35 -4.00 5.97
N GLY A 32 -15.91 -3.84 7.16
CA GLY A 32 -17.32 -3.45 7.34
C GLY A 32 -17.64 -2.05 6.87
N LEU A 33 -18.93 -1.77 6.68
CA LEU A 33 -19.39 -0.50 6.12
C LEU A 33 -18.78 0.74 6.81
N ALA A 34 -18.88 0.79 8.13
CA ALA A 34 -18.43 1.95 8.92
C ALA A 34 -16.97 2.33 8.64
N LEU A 35 -16.08 1.35 8.70
CA LEU A 35 -14.68 1.62 8.52
C LEU A 35 -14.34 1.91 7.07
N ARG A 36 -15.13 1.34 6.15
CA ARG A 36 -15.01 1.60 4.70
C ARG A 36 -15.24 3.07 4.38
N LYS A 37 -16.32 3.63 4.92
CA LYS A 37 -16.67 5.04 4.76
C LYS A 37 -15.66 5.97 5.45
N MET A 38 -15.10 5.48 6.56
CA MET A 38 -14.09 6.21 7.30
C MET A 38 -12.80 6.25 6.47
N ALA A 39 -12.48 5.12 5.86
CA ALA A 39 -11.28 5.01 5.04
C ALA A 39 -11.42 5.77 3.72
N ALA A 40 -12.65 5.90 3.23
CA ALA A 40 -12.90 6.54 1.94
C ALA A 40 -12.85 8.06 2.05
N MET A 41 -13.20 8.59 3.24
CA MET A 41 -13.13 10.03 3.51
C MET A 41 -11.74 10.46 4.00
N ALA A 42 -10.85 9.48 4.22
CA ALA A 42 -9.60 9.69 4.95
C ALA A 42 -8.52 10.43 4.18
N LYS A 43 -8.54 10.27 2.85
CA LYS A 43 -7.57 10.88 1.92
C LYS A 43 -6.17 11.16 2.55
N PRO A 44 -5.40 10.11 2.87
CA PRO A 44 -4.15 10.20 3.63
C PRO A 44 -2.92 10.77 2.91
N ASP A 45 -1.78 10.73 3.62
CA ASP A 45 -0.48 10.72 3.01
C ASP A 45 0.10 9.33 3.15
N CYS A 46 1.01 9.00 2.25
CA CYS A 46 1.80 7.80 2.35
C CYS A 46 3.23 8.27 2.34
N ILE A 47 3.94 8.07 3.45
CA ILE A 47 5.34 8.46 3.51
C ILE A 47 6.17 7.19 3.36
N ILE A 48 7.05 7.20 2.36
CA ILE A 48 7.87 6.04 2.07
C ILE A 48 9.33 6.44 2.19
N THR A 49 10.08 5.65 2.94
CA THR A 49 11.54 5.79 3.00
C THR A 49 12.21 4.50 2.58
N CYS A 50 13.32 4.64 1.88
CA CYS A 50 14.02 3.52 1.31
C CYS A 50 15.49 3.68 1.70
N ASP A 51 15.85 3.10 2.83
CA ASP A 51 17.23 3.09 3.32
C ASP A 51 17.91 1.84 2.77
N GLY A 52 18.41 1.92 1.53
CA GLY A 52 18.89 0.73 0.83
C GLY A 52 17.67 -0.17 0.58
N ASN A 53 17.76 -1.43 0.97
CA ASN A 53 16.61 -2.32 0.86
C ASN A 53 15.78 -2.46 2.16
N ASN A 54 16.06 -1.58 3.14
CA ASN A 54 15.19 -1.34 4.30
C ASN A 54 14.09 -0.33 3.88
N ILE A 55 12.87 -0.82 3.74
CA ILE A 55 11.75 -0.03 3.23
C ILE A 55 10.75 0.22 4.34
N THR A 56 10.39 1.48 4.55
CA THR A 56 9.42 1.83 5.58
C THR A 56 8.27 2.53 4.87
N VAL A 57 7.06 2.08 5.16
CA VAL A 57 5.85 2.68 4.58
C VAL A 57 4.94 3.09 5.72
N LYS A 58 4.77 4.40 5.84
CA LYS A 58 3.95 5.03 6.86
C LYS A 58 2.70 5.62 6.20
N THR A 59 1.54 5.14 6.60
CA THR A 59 0.26 5.64 6.12
C THR A 59 -0.37 6.46 7.24
N GLU A 60 -0.58 7.74 6.96
CA GLU A 60 -0.92 8.74 7.97
C GLU A 60 -2.29 9.34 7.68
N SER A 61 -3.19 9.30 8.66
CA SER A 61 -4.48 9.94 8.49
C SER A 61 -4.90 10.48 9.86
N THR A 62 -6.00 11.22 9.90
CA THR A 62 -6.45 11.78 11.15
C THR A 62 -7.18 10.74 11.97
N VAL A 63 -7.47 9.60 11.34
CA VAL A 63 -8.24 8.55 12.00
C VAL A 63 -7.32 7.50 12.60
N LYS A 64 -6.30 7.11 11.83
CA LYS A 64 -5.35 6.09 12.22
C LYS A 64 -4.03 6.26 11.46
N THR A 65 -2.92 5.92 12.09
CA THR A 65 -1.63 5.90 11.39
C THR A 65 -0.95 4.51 11.52
N THR A 66 -0.53 3.95 10.39
CA THR A 66 0.12 2.65 10.35
C THR A 66 1.52 2.78 9.81
N VAL A 67 2.46 2.01 10.36
CA VAL A 67 3.83 1.92 9.86
C VAL A 67 4.31 0.46 9.82
N PHE A 68 4.85 0.03 8.70
CA PHE A 68 5.64 -1.21 8.71
C PHE A 68 7.01 -0.84 8.19
N SER A 69 8.01 -1.60 8.62
CA SER A 69 9.36 -1.40 8.14
C SER A 69 9.97 -2.75 7.89
N CYS A 70 10.46 -2.98 6.67
CA CYS A 70 10.88 -4.32 6.28
C CYS A 70 12.15 -4.28 5.50
N ASN A 71 12.76 -5.45 5.32
CA ASN A 71 13.86 -5.61 4.37
C ASN A 71 13.27 -6.29 3.13
N LEU A 72 13.64 -5.81 1.96
CA LEU A 72 13.16 -6.38 0.73
C LEU A 72 13.39 -7.88 0.68
N GLY A 73 12.32 -8.63 0.38
CA GLY A 73 12.42 -10.09 0.19
C GLY A 73 12.46 -10.94 1.45
N GLU A 74 12.43 -10.32 2.62
CA GLU A 74 12.35 -11.05 3.88
C GLU A 74 10.91 -10.97 4.38
N LYS A 75 10.32 -12.14 4.58
CA LYS A 75 8.94 -12.21 5.09
CA LYS A 75 8.95 -12.22 5.09
C LYS A 75 8.87 -11.64 6.49
N PHE A 76 7.77 -10.92 6.78
CA PHE A 76 7.54 -10.33 8.09
C PHE A 76 6.06 -10.39 8.46
N GLU A 77 5.77 -10.16 9.74
CA GLU A 77 4.39 -10.14 10.25
C GLU A 77 3.90 -8.74 10.16
N GLU A 78 2.79 -8.52 9.46
CA GLU A 78 2.22 -7.19 9.39
C GLU A 78 0.87 -7.17 10.11
N THR A 79 0.58 -6.08 10.84
CA THR A 79 -0.78 -5.77 11.29
C THR A 79 -1.29 -4.64 10.41
N THR A 80 -2.35 -4.92 9.65
CA THR A 80 -2.82 -3.98 8.64
C THR A 80 -3.70 -2.94 9.27
N ALA A 81 -3.99 -1.87 8.54
CA ALA A 81 -4.83 -0.81 9.09
C ALA A 81 -6.23 -1.31 9.48
N ASP A 82 -6.76 -2.28 8.73
CA ASP A 82 -8.05 -2.88 9.08
C ASP A 82 -7.93 -3.95 10.16
N GLY A 83 -6.72 -4.22 10.59
CA GLY A 83 -6.49 -5.10 11.73
C GLY A 83 -6.25 -6.57 11.43
N ARG A 84 -5.98 -6.91 10.17
CA ARG A 84 -5.60 -8.28 9.81
C ARG A 84 -4.18 -8.53 10.26
N LYS A 85 -3.89 -9.74 10.72
CA LYS A 85 -2.52 -10.13 11.02
C LYS A 85 -2.04 -10.97 9.84
N THR A 86 -1.20 -10.41 8.98
CA THR A 86 -0.73 -11.14 7.80
C THR A 86 0.76 -11.51 7.86
N GLU A 87 1.16 -12.43 6.98
CA GLU A 87 2.57 -12.67 6.66
C GLU A 87 2.79 -12.01 5.31
N THR A 88 3.75 -11.09 5.27
CA THR A 88 3.94 -10.18 4.15
C THR A 88 5.38 -10.27 3.64
N VAL A 89 5.51 -10.16 2.32
CA VAL A 89 6.82 -10.01 1.73
CA VAL A 89 6.81 -10.09 1.65
C VAL A 89 6.77 -8.92 0.65
N CYS A 90 7.73 -8.02 0.75
CA CYS A 90 7.87 -6.98 -0.24
C CYS A 90 8.98 -7.36 -1.23
N THR A 91 8.70 -7.23 -2.53
CA THR A 91 9.74 -7.45 -3.56
C THR A 91 9.78 -6.28 -4.53
N PHE A 92 10.83 -6.22 -5.35
CA PHE A 92 10.90 -5.18 -6.36
C PHE A 92 11.00 -5.80 -7.74
N GLN A 93 9.98 -5.54 -8.55
CA GLN A 93 9.78 -6.28 -9.79
C GLN A 93 9.32 -5.31 -10.87
N ASP A 94 10.14 -5.17 -11.90
CA ASP A 94 9.80 -4.40 -13.08
C ASP A 94 9.40 -2.98 -12.69
N GLY A 95 10.22 -2.33 -11.87
CA GLY A 95 9.92 -0.96 -11.45
C GLY A 95 8.86 -0.79 -10.37
N ALA A 96 8.31 -1.89 -9.84
CA ALA A 96 7.27 -1.77 -8.81
C ALA A 96 7.65 -2.39 -7.48
N LEU A 97 7.28 -1.72 -6.39
CA LEU A 97 7.33 -2.35 -5.10
C LEU A 97 6.08 -3.23 -5.00
N VAL A 98 6.28 -4.51 -4.73
CA VAL A 98 5.18 -5.47 -4.70
C VAL A 98 5.07 -5.98 -3.28
N GLN A 99 3.89 -5.83 -2.68
CA GLN A 99 3.69 -6.18 -1.29
C GLN A 99 2.64 -7.28 -1.28
N HIS A 100 3.09 -8.51 -1.02
CA HIS A 100 2.21 -9.68 -0.96
C HIS A 100 1.84 -10.03 0.49
N GLN A 101 0.53 -10.07 0.79
CA GLN A 101 0.04 -10.41 2.11
C GLN A 101 -0.71 -11.73 2.05
N GLN A 102 -0.44 -12.60 3.02
CA GLN A 102 -1.21 -13.84 3.18
C GLN A 102 -1.73 -13.97 4.61
N TRP A 103 -3.00 -14.33 4.76
CA TRP A 103 -3.59 -14.59 6.07
C TRP A 103 -4.78 -15.53 5.92
N ASP A 104 -4.82 -16.59 6.73
CA ASP A 104 -5.95 -17.52 6.73
C ASP A 104 -6.16 -18.17 5.37
N GLY A 105 -5.09 -18.49 4.66
CA GLY A 105 -5.20 -19.05 3.31
C GLY A 105 -5.75 -18.08 2.27
N LYS A 106 -5.84 -16.81 2.63
CA LYS A 106 -6.23 -15.74 1.70
C LYS A 106 -4.98 -14.98 1.29
N GLU A 107 -5.06 -14.25 0.19
CA GLU A 107 -3.92 -13.45 -0.28
C GLU A 107 -4.35 -12.15 -0.98
N SER A 108 -3.50 -11.14 -0.87
CA SER A 108 -3.73 -9.90 -1.55
C SER A 108 -2.41 -9.33 -1.93
N THR A 109 -2.36 -8.61 -3.03
CA THR A 109 -1.14 -7.92 -3.43
C THR A 109 -1.40 -6.42 -3.61
N ILE A 110 -0.48 -5.61 -3.09
CA ILE A 110 -0.46 -4.18 -3.31
C ILE A 110 0.82 -3.84 -4.06
N THR A 111 0.71 -3.24 -5.23
CA THR A 111 1.92 -2.85 -5.96
C THR A 111 1.95 -1.31 -6.08
N ARG A 112 3.13 -0.75 -5.92
CA ARG A 112 3.34 0.69 -5.95
C ARG A 112 4.40 0.97 -6.99
N LYS A 113 4.09 1.87 -7.91
CA LYS A 113 5.02 2.17 -8.96
C LYS A 113 4.86 3.60 -9.40
N LEU A 114 5.97 4.17 -9.87
CA LEU A 114 5.99 5.50 -10.41
C LEU A 114 5.60 5.47 -11.89
N LYS A 115 4.52 6.14 -12.26
CA LYS A 115 4.17 6.37 -13.67
C LYS A 115 3.97 7.86 -13.88
N ASP A 116 4.74 8.44 -14.80
CA ASP A 116 4.52 9.84 -15.17
C ASP A 116 4.56 10.74 -13.92
N GLY A 117 5.52 10.47 -13.05
CA GLY A 117 5.75 11.26 -11.83
C GLY A 117 4.76 11.05 -10.68
N LYS A 118 3.72 10.25 -10.89
CA LYS A 118 2.77 9.94 -9.80
C LYS A 118 2.97 8.51 -9.30
N MET A 119 2.56 8.26 -8.05
CA MET A 119 2.68 6.91 -7.51
C MET A 119 1.33 6.22 -7.73
N ILE A 120 1.36 5.16 -8.52
CA ILE A 120 0.16 4.40 -8.79
C ILE A 120 0.16 3.19 -7.86
N VAL A 121 -0.89 3.08 -7.06
CA VAL A 121 -1.01 1.99 -6.09
C VAL A 121 -2.18 1.14 -6.53
N GLU A 122 -1.87 -0.09 -6.94
CA GLU A 122 -2.87 -1.04 -7.39
C GLU A 122 -3.00 -2.14 -6.35
N CYS A 123 -4.24 -2.35 -5.88
CA CYS A 123 -4.54 -3.37 -4.87
C CYS A 123 -5.41 -4.45 -5.50
N VAL A 124 -5.03 -5.70 -5.30
CA VAL A 124 -5.80 -6.81 -5.83
C VAL A 124 -6.13 -7.81 -4.74
N MET A 125 -7.38 -8.26 -4.71
CA MET A 125 -7.74 -9.43 -3.95
C MET A 125 -8.85 -10.14 -4.69
N ASN A 126 -8.61 -11.42 -5.02
CA ASN A 126 -9.54 -12.19 -5.85
C ASN A 126 -9.87 -11.42 -7.14
N ASN A 127 -11.15 -11.22 -7.43
CA ASN A 127 -11.59 -10.47 -8.61
C ASN A 127 -11.74 -8.96 -8.36
N ALA A 128 -11.37 -8.51 -7.16
CA ALA A 128 -11.50 -7.10 -6.79
C ALA A 128 -10.20 -6.35 -6.97
N THR A 129 -10.22 -5.31 -7.79
CA THR A 129 -9.05 -4.46 -8.00
C THR A 129 -9.35 -3.01 -7.72
N CYS A 130 -8.37 -2.36 -7.10
CA CYS A 130 -8.43 -0.95 -6.77
C CYS A 130 -7.20 -0.25 -7.33
N THR A 131 -7.39 0.93 -7.90
CA THR A 131 -6.27 1.79 -8.28
C THR A 131 -6.36 3.10 -7.51
N ARG A 132 -5.27 3.44 -6.83
CA ARG A 132 -5.15 4.72 -6.14
C ARG A 132 -4.00 5.55 -6.71
N VAL A 133 -4.25 6.83 -6.95
CA VAL A 133 -3.20 7.70 -7.48
C VAL A 133 -2.74 8.70 -6.41
N TYR A 134 -1.43 8.71 -6.18
CA TYR A 134 -0.78 9.66 -5.26
C TYR A 134 0.12 10.61 -6.01
N GLU A 135 0.15 11.86 -5.56
CA GLU A 135 1.16 12.81 -6.01
C GLU A 135 2.09 13.26 -4.86
N LYS A 136 3.29 13.71 -5.21
CA LYS A 136 4.33 14.10 -4.28
C LYS A 136 3.97 15.44 -3.66
N VAL A 137 4.10 15.54 -2.34
CA VAL A 137 3.89 16.80 -1.63
C VAL A 137 5.16 17.65 -1.82
N GLN A 138 4.98 18.94 -2.13
CA GLN A 138 6.11 19.83 -2.49
C GLN A 138 6.90 20.27 -1.27
C01 G2A B . -3.18 2.81 -0.16
O01 G2A B . -3.52 3.74 -0.89
C02 G2A B . -3.61 1.36 -0.41
C03 G2A B . -4.36 0.86 0.82
O03 G2A B . -2.47 2.97 0.98
C04 G2A B . -4.01 -0.59 1.11
C05 G2A B . -4.51 -0.89 2.53
C06 G2A B . -5.92 -1.46 2.63
C07 G2A B . -6.39 -1.73 4.07
C08 G2A B . -7.13 -0.52 4.59
C09 G2A B . -8.53 -0.83 5.12
C10 G2A B . -9.34 0.36 5.67
C11 G2A B . -8.63 0.91 6.90
C12 G2A B . -9.49 1.24 8.12
C13 G2A B . -8.66 1.80 9.28
C14 G2A B . -9.15 3.20 9.71
C15 G2A B . -8.92 4.43 8.80
C16 G2A B . -8.23 4.24 7.43
C17 G2A B . -6.70 4.41 7.52
C18 G2A B . -6.12 4.60 6.11
C19 G2A B . -6.40 3.38 5.21
C20 G2A B . -6.54 3.82 3.76
C23 G2A B . -0.38 3.08 2.17
CAS G2A B . -0.40 2.97 -0.33
CBA G2A B . -1.14 3.50 0.91
O27 G2A B . -1.04 1.96 2.83
O26 G2A B . 0.65 3.86 -0.63
CL CL C . 2.88 -3.93 12.19
#